data_1TKF
#
_entry.id   1TKF
#
_cell.length_a   60.606
_cell.length_b   60.606
_cell.length_c   144.186
_cell.angle_alpha   90.00
_cell.angle_beta   90.00
_cell.angle_gamma   90.00
#
_symmetry.space_group_name_H-M   'P 41 21 2'
#
loop_
_entity.id
_entity.type
_entity.pdbx_description
1 polymer Aminopeptidase
2 non-polymer 'ZINC ION'
3 non-polymer 'CALCIUM ION'
4 non-polymer D-TRYPTOPHAN
5 water water
#
_entity_poly.entity_id   1
_entity_poly.type   'polypeptide(L)'
_entity_poly.pdbx_seq_one_letter_code
;APDIPLANVKAHLTQLSTIAANNGGNRAHGRPGYKASVDYVKAKLDAAGYTTTLQQFTSGGATGYNLIANWPGGDPNKVL
MAGAHLDSVSSGAGINDNGSGSAAVLETALAVSRAGYQPDKHLRFAWWGAEELGLIGSKFYVNNLPSADRSKLAGYLNFD
MIGSPNPGYFVYDDDPVIEKTFKNYFAGLNVPTEIETEGDGRSDHAPFKNVGVPVGGLFTGAGYTKSAAQAQKWGGTAGQ
AFDRCYHSSCDSLSNINDTALDRNSDAAAHAIWTLSSGTGEPPT
;
_entity_poly.pdbx_strand_id   A
#
loop_
_chem_comp.id
_chem_comp.type
_chem_comp.name
_chem_comp.formula
CA non-polymer 'CALCIUM ION' 'Ca 2'
ZN non-polymer 'ZINC ION' 'Zn 2'
#
# COMPACT_ATOMS: atom_id res chain seq x y z
N ALA A 1 10.33 -9.12 12.99
CA ALA A 1 10.14 -7.90 12.18
C ALA A 1 10.40 -6.70 13.06
N PRO A 2 10.91 -5.66 12.49
CA PRO A 2 11.06 -4.40 13.25
C PRO A 2 9.71 -3.69 13.39
N ASP A 3 9.75 -2.85 14.43
N ASP A 3 9.67 -2.79 14.38
CA ASP A 3 8.72 -1.82 14.44
CA ASP A 3 8.61 -1.81 14.64
C ASP A 3 9.00 -0.91 13.25
C ASP A 3 8.80 -0.62 13.68
N ILE A 4 7.93 -0.40 12.70
CA ILE A 4 8.06 0.66 11.69
C ILE A 4 7.84 1.99 12.41
N PRO A 5 8.82 2.90 12.37
CA PRO A 5 8.62 4.19 13.06
C PRO A 5 7.53 5.05 12.41
N LEU A 6 6.49 5.30 13.18
CA LEU A 6 5.39 6.15 12.70
C LEU A 6 5.90 7.47 12.14
N ALA A 7 6.84 8.12 12.80
CA ALA A 7 7.34 9.41 12.35
C ALA A 7 7.92 9.30 10.94
N ASN A 8 8.55 8.19 10.61
CA ASN A 8 9.13 8.05 9.26
C ASN A 8 8.02 7.92 8.22
N VAL A 9 6.96 7.18 8.54
CA VAL A 9 5.83 7.04 7.62
C VAL A 9 5.19 8.41 7.38
N LYS A 10 4.97 9.13 8.49
CA LYS A 10 4.37 10.46 8.38
C LYS A 10 5.24 11.42 7.58
N ALA A 11 6.57 11.29 7.67
CA ALA A 11 7.46 12.15 6.89
C ALA A 11 7.32 11.85 5.40
N HIS A 12 7.14 10.58 4.97
CA HIS A 12 6.83 10.34 3.56
C HIS A 12 5.52 11.04 3.16
N LEU A 13 4.50 10.97 4.03
CA LEU A 13 3.22 11.62 3.71
C LEU A 13 3.42 13.10 3.53
N THR A 14 4.25 13.76 4.37
CA THR A 14 4.51 15.17 4.24
C THR A 14 5.11 15.44 2.87
N GLN A 15 6.04 14.60 2.44
CA GLN A 15 6.66 14.81 1.15
C GLN A 15 5.65 14.68 0.03
N LEU A 16 4.76 13.69 0.10
CA LEU A 16 3.73 13.57 -0.94
C LEU A 16 2.78 14.76 -0.92
N SER A 17 2.45 15.25 0.27
CA SER A 17 1.60 16.44 0.36
C SER A 17 2.22 17.62 -0.34
N THR A 18 3.52 17.84 -0.10
CA THR A 18 4.24 18.92 -0.74
C THR A 18 4.31 18.73 -2.25
N ILE A 19 4.55 17.49 -2.69
CA ILE A 19 4.51 17.21 -4.14
C ILE A 19 3.19 17.57 -4.75
N ALA A 20 2.08 17.22 -4.10
CA ALA A 20 0.77 17.59 -4.66
C ALA A 20 0.64 19.11 -4.74
N ALA A 21 1.03 19.82 -3.64
CA ALA A 21 0.88 21.27 -3.65
C ALA A 21 1.69 21.91 -4.75
N ASN A 22 2.88 21.32 -5.07
CA ASN A 22 3.75 21.84 -6.10
C ASN A 22 3.32 21.50 -7.52
N ASN A 23 2.28 20.66 -7.64
CA ASN A 23 1.86 20.16 -8.95
C ASN A 23 0.34 20.18 -9.07
N GLY A 24 -0.19 21.38 -8.85
CA GLY A 24 -1.60 21.62 -9.20
C GLY A 24 -2.56 21.03 -8.18
N GLY A 25 -2.08 20.56 -7.03
CA GLY A 25 -2.93 20.04 -5.97
C GLY A 25 -3.20 18.55 -6.02
N ASN A 26 -2.57 17.78 -6.89
CA ASN A 26 -2.88 16.36 -6.95
C ASN A 26 -1.64 15.56 -7.34
N ARG A 27 -1.81 14.23 -7.33
CA ARG A 27 -0.78 13.28 -7.73
C ARG A 27 -1.39 12.27 -8.69
N ALA A 28 -2.18 12.79 -9.64
CA ALA A 28 -2.99 11.93 -10.52
C ALA A 28 -2.26 11.49 -11.77
N HIS A 29 -2.69 10.32 -12.29
CA HIS A 29 -2.13 9.81 -13.56
C HIS A 29 -2.20 10.86 -14.65
N GLY A 30 -1.09 10.95 -15.39
CA GLY A 30 -0.99 11.86 -16.53
C GLY A 30 -0.64 13.28 -16.13
N ARG A 31 -0.54 13.55 -14.82
CA ARG A 31 -0.27 14.90 -14.29
C ARG A 31 1.07 14.87 -13.60
N PRO A 32 1.75 16.00 -13.52
CA PRO A 32 3.14 15.96 -13.04
C PRO A 32 3.31 15.53 -11.61
N GLY A 33 2.31 15.67 -10.77
CA GLY A 33 2.40 15.23 -9.38
C GLY A 33 2.58 13.73 -9.25
N TYR A 34 2.09 12.95 -10.21
CA TYR A 34 2.30 11.49 -10.08
C TYR A 34 3.77 11.15 -10.33
N LYS A 35 4.31 11.57 -11.46
CA LYS A 35 5.71 11.26 -11.76
C LYS A 35 6.64 11.82 -10.66
N ALA A 36 6.32 12.99 -10.09
CA ALA A 36 7.14 13.49 -8.98
C ALA A 36 7.05 12.58 -7.78
N SER A 37 5.89 11.99 -7.53
CA SER A 37 5.77 11.02 -6.45
C SER A 37 6.65 9.80 -6.69
N VAL A 38 6.59 9.27 -7.91
CA VAL A 38 7.43 8.14 -8.30
C VAL A 38 8.91 8.47 -8.07
N ASP A 39 9.31 9.70 -8.48
CA ASP A 39 10.74 10.05 -8.37
C ASP A 39 11.19 10.05 -6.91
N TYR A 40 10.35 10.55 -6.00
CA TYR A 40 10.61 10.57 -4.55
C TYR A 40 10.81 9.17 -4.02
N VAL A 41 9.84 8.27 -4.28
CA VAL A 41 9.92 6.91 -3.73
C VAL A 41 11.13 6.20 -4.33
N LYS A 42 11.35 6.33 -5.63
CA LYS A 42 12.46 5.64 -6.28
C LYS A 42 13.79 6.06 -5.72
N ALA A 43 13.96 7.36 -5.45
CA ALA A 43 15.23 7.82 -4.92
C ALA A 43 15.52 7.20 -3.56
N LYS A 44 14.50 7.09 -2.69
CA LYS A 44 14.74 6.47 -1.37
C LYS A 44 15.11 5.01 -1.52
N LEU A 45 14.45 4.30 -2.46
CA LEU A 45 14.76 2.88 -2.64
C LEU A 45 16.12 2.66 -3.25
N ASP A 46 16.49 3.50 -4.24
CA ASP A 46 17.80 3.33 -4.88
C ASP A 46 18.88 3.51 -3.84
N ALA A 47 18.74 4.50 -2.96
CA ALA A 47 19.77 4.77 -1.93
C ALA A 47 19.88 3.63 -0.89
N ALA A 48 18.80 2.89 -0.72
CA ALA A 48 18.79 1.77 0.20
C ALA A 48 19.32 0.48 -0.40
N GLY A 49 19.55 0.40 -1.71
CA GLY A 49 20.15 -0.79 -2.33
C GLY A 49 19.21 -1.56 -3.20
N TYR A 50 17.94 -1.14 -3.38
CA TYR A 50 17.03 -1.86 -4.26
C TYR A 50 17.41 -1.77 -5.72
N THR A 51 17.08 -2.78 -6.49
CA THR A 51 17.10 -2.70 -7.96
C THR A 51 15.72 -2.19 -8.38
N THR A 52 15.67 -0.96 -8.88
CA THR A 52 14.38 -0.39 -9.26
C THR A 52 14.16 -0.38 -10.76
N THR A 53 12.91 -0.52 -11.16
CA THR A 53 12.48 -0.54 -12.54
C THR A 53 11.31 0.42 -12.64
N LEU A 54 11.33 1.27 -13.65
CA LEU A 54 10.18 2.08 -14.04
C LEU A 54 9.50 1.38 -15.19
N GLN A 55 8.30 0.87 -14.95
CA GLN A 55 7.53 0.20 -15.98
C GLN A 55 6.52 1.18 -16.57
N GLN A 56 6.70 1.53 -17.84
CA GLN A 56 5.86 2.54 -18.46
C GLN A 56 4.69 1.94 -19.19
N PHE A 57 3.55 2.64 -19.19
CA PHE A 57 2.38 2.21 -19.94
C PHE A 57 1.67 3.47 -20.43
N THR A 58 0.69 3.30 -21.31
CA THR A 58 -0.08 4.44 -21.80
C THR A 58 -1.54 4.19 -21.48
N SER A 59 -2.16 5.22 -20.88
CA SER A 59 -3.59 5.02 -20.67
C SER A 59 -4.28 6.35 -20.83
N GLY A 60 -5.38 6.35 -21.57
CA GLY A 60 -6.11 7.60 -21.69
C GLY A 60 -5.26 8.64 -22.37
N GLY A 61 -4.34 8.22 -23.24
CA GLY A 61 -3.51 9.15 -23.99
C GLY A 61 -2.33 9.70 -23.24
N ALA A 62 -2.09 9.20 -22.01
CA ALA A 62 -1.02 9.75 -21.20
C ALA A 62 -0.10 8.64 -20.69
N THR A 63 1.18 8.91 -20.57
CA THR A 63 2.11 7.98 -20.00
C THR A 63 1.92 7.76 -18.49
N GLY A 64 1.84 6.49 -18.11
CA GLY A 64 1.80 6.11 -16.72
C GLY A 64 3.03 5.31 -16.37
N TYR A 65 3.23 5.15 -15.05
CA TYR A 65 4.34 4.38 -14.56
C TYR A 65 3.95 3.51 -13.38
N ASN A 66 4.55 2.31 -13.34
CA ASN A 66 4.67 1.54 -12.10
C ASN A 66 6.10 1.59 -11.65
N LEU A 67 6.34 1.63 -10.36
CA LEU A 67 7.69 1.54 -9.80
C LEU A 67 7.84 0.18 -9.16
N ILE A 68 8.76 -0.63 -9.65
CA ILE A 68 9.03 -1.97 -9.12
C ILE A 68 10.39 -1.96 -8.43
N ALA A 69 10.50 -2.50 -7.24
CA ALA A 69 11.73 -2.52 -6.49
C ALA A 69 12.02 -3.93 -6.01
N ASN A 70 13.09 -4.51 -6.53
CA ASN A 70 13.50 -5.87 -6.15
C ASN A 70 14.64 -5.81 -5.17
N TRP A 71 14.52 -6.56 -4.08
CA TRP A 71 15.57 -6.64 -3.07
C TRP A 71 16.55 -7.74 -3.50
N PRO A 72 17.79 -7.41 -3.88
CA PRO A 72 18.62 -8.52 -4.43
C PRO A 72 18.77 -9.68 -3.45
N GLY A 73 18.63 -10.88 -3.99
CA GLY A 73 18.77 -12.13 -3.27
C GLY A 73 17.46 -12.85 -3.11
N GLY A 74 17.51 -13.94 -2.34
CA GLY A 74 16.39 -14.80 -2.09
C GLY A 74 16.11 -15.76 -3.19
N ASP A 75 15.22 -16.71 -2.91
CA ASP A 75 14.89 -17.76 -3.84
C ASP A 75 14.16 -17.17 -5.04
N PRO A 76 14.74 -17.24 -6.23
CA PRO A 76 14.02 -16.67 -7.36
C PRO A 76 12.71 -17.39 -7.70
N ASN A 77 12.53 -18.63 -7.26
CA ASN A 77 11.30 -19.36 -7.52
C ASN A 77 10.22 -19.10 -6.49
N LYS A 78 10.50 -18.29 -5.50
CA LYS A 78 9.50 -17.98 -4.46
C LYS A 78 9.60 -16.50 -4.17
N VAL A 79 8.75 -15.70 -4.78
CA VAL A 79 8.76 -14.26 -4.68
C VAL A 79 7.59 -13.77 -3.84
N LEU A 80 7.86 -12.94 -2.83
CA LEU A 80 6.79 -12.31 -2.10
C LEU A 80 6.71 -10.85 -2.54
N MET A 81 5.51 -10.42 -2.94
CA MET A 81 5.30 -9.06 -3.38
C MET A 81 4.42 -8.30 -2.39
N ALA A 82 4.70 -6.99 -2.27
CA ALA A 82 3.82 -6.10 -1.51
C ALA A 82 3.74 -4.79 -2.27
N GLY A 83 2.55 -4.19 -2.24
CA GLY A 83 2.38 -3.00 -3.03
C GLY A 83 1.23 -2.12 -2.58
N ALA A 84 1.17 -0.99 -3.28
CA ALA A 84 0.28 0.10 -2.94
C ALA A 84 0.15 1.04 -4.14
N HIS A 85 -1.04 1.52 -4.49
CA HIS A 85 -1.06 2.47 -5.58
C HIS A 85 -0.58 3.84 -5.12
N LEU A 86 0.18 4.48 -6.00
CA LEU A 86 0.82 5.76 -5.68
C LEU A 86 0.12 6.93 -6.35
N ASP A 87 -0.90 6.65 -7.18
CA ASP A 87 -1.64 7.78 -7.77
C ASP A 87 -2.80 8.22 -6.83
N SER A 88 -3.19 9.51 -7.00
CA SER A 88 -4.40 10.03 -6.37
C SER A 88 -5.41 10.33 -7.44
N VAL A 89 -6.65 10.57 -7.00
CA VAL A 89 -7.63 11.20 -7.89
C VAL A 89 -7.20 12.64 -8.11
N SER A 90 -7.79 13.31 -9.12
CA SER A 90 -7.23 14.67 -9.40
C SER A 90 -7.85 15.71 -8.47
N SER A 91 -8.80 15.38 -7.60
CA SER A 91 -9.32 16.42 -6.72
C SER A 91 -8.40 16.79 -5.57
N GLY A 92 -7.40 16.03 -5.22
CA GLY A 92 -6.58 16.41 -4.07
C GLY A 92 -5.33 15.55 -4.01
N ALA A 93 -4.68 15.66 -2.85
CA ALA A 93 -3.37 15.03 -2.67
C ALA A 93 -3.39 13.56 -2.41
N GLY A 94 -4.56 12.96 -2.14
CA GLY A 94 -4.62 11.53 -1.91
C GLY A 94 -3.71 11.09 -0.80
N ILE A 95 -3.76 11.77 0.37
CA ILE A 95 -2.87 11.36 1.45
C ILE A 95 -3.29 10.06 2.11
N ASN A 96 -4.55 9.90 2.50
CA ASN A 96 -4.99 8.58 2.95
C ASN A 96 -5.16 7.64 1.76
N ASP A 97 -5.73 8.10 0.65
CA ASP A 97 -5.94 7.27 -0.55
C ASP A 97 -5.03 7.76 -1.67
N ASN A 98 -3.81 7.26 -1.80
CA ASN A 98 -3.23 6.14 -1.05
C ASN A 98 -1.77 6.44 -0.70
N GLY A 99 -1.55 7.71 -0.26
CA GLY A 99 -0.28 7.97 0.37
C GLY A 99 -0.06 7.03 1.55
N SER A 100 -1.09 6.74 2.34
CA SER A 100 -0.91 5.92 3.56
C SER A 100 -0.28 4.58 3.20
N GLY A 101 -0.87 3.85 2.22
CA GLY A 101 -0.31 2.55 1.89
C GLY A 101 1.04 2.68 1.22
N SER A 102 1.18 3.70 0.36
CA SER A 102 2.44 3.92 -0.36
C SER A 102 3.59 4.16 0.63
N ALA A 103 3.34 4.97 1.65
CA ALA A 103 4.33 5.32 2.67
C ALA A 103 4.63 4.14 3.57
N ALA A 104 3.63 3.35 3.95
CA ALA A 104 3.89 2.16 4.75
C ALA A 104 4.73 1.15 4.00
N VAL A 105 4.40 0.92 2.73
CA VAL A 105 5.19 -0.04 1.94
C VAL A 105 6.61 0.49 1.75
N LEU A 106 6.77 1.79 1.46
CA LEU A 106 8.11 2.35 1.33
C LEU A 106 8.90 2.21 2.63
N GLU A 107 8.29 2.60 3.78
CA GLU A 107 9.07 2.47 5.00
C GLU A 107 9.37 1.01 5.33
N THR A 108 8.51 0.08 5.02
CA THR A 108 8.86 -1.31 5.23
C THR A 108 10.04 -1.73 4.35
N ALA A 109 10.03 -1.29 3.10
CA ALA A 109 11.13 -1.60 2.21
C ALA A 109 12.44 -1.02 2.77
N LEU A 110 12.37 0.22 3.26
CA LEU A 110 13.58 0.80 3.86
C LEU A 110 14.02 0.07 5.12
N ALA A 111 13.01 -0.39 5.90
CA ALA A 111 13.34 -1.14 7.11
C ALA A 111 14.06 -2.44 6.80
N VAL A 112 13.72 -3.10 5.67
CA VAL A 112 14.41 -4.32 5.27
C VAL A 112 15.91 -4.06 5.14
N SER A 113 16.25 -2.93 4.45
CA SER A 113 17.64 -2.56 4.26
C SER A 113 18.29 -2.17 5.60
N ARG A 114 17.62 -1.40 6.42
CA ARG A 114 18.19 -1.01 7.71
C ARG A 114 18.46 -2.21 8.60
N ALA A 115 17.63 -3.24 8.52
CA ALA A 115 17.75 -4.44 9.37
C ALA A 115 18.77 -5.40 8.81
N GLY A 116 19.24 -5.16 7.60
CA GLY A 116 20.13 -6.13 6.94
C GLY A 116 19.39 -7.44 6.74
N TYR A 117 18.10 -7.42 6.45
CA TYR A 117 17.31 -8.66 6.32
C TYR A 117 17.58 -9.36 4.99
N GLN A 118 17.80 -10.66 5.05
CA GLN A 118 17.96 -11.49 3.89
C GLN A 118 16.84 -12.51 3.92
N PRO A 119 15.69 -12.23 3.33
CA PRO A 119 14.58 -13.18 3.35
C PRO A 119 14.93 -14.41 2.54
N ASP A 120 14.35 -15.53 2.96
CA ASP A 120 14.43 -16.76 2.16
C ASP A 120 13.78 -16.56 0.80
N LYS A 121 12.61 -15.94 0.77
CA LYS A 121 11.93 -15.63 -0.50
C LYS A 121 12.45 -14.32 -1.06
N HIS A 122 12.54 -14.23 -2.37
CA HIS A 122 12.88 -12.94 -2.93
C HIS A 122 11.75 -11.92 -2.69
N LEU A 123 12.11 -10.73 -2.28
CA LEU A 123 11.15 -9.67 -2.01
C LEU A 123 11.07 -8.67 -3.15
N ARG A 124 9.86 -8.34 -3.53
CA ARG A 124 9.63 -7.33 -4.57
C ARG A 124 8.50 -6.40 -4.12
N PHE A 125 8.75 -5.12 -4.16
CA PHE A 125 7.76 -4.12 -3.77
C PHE A 125 7.29 -3.36 -5.03
N ALA A 126 6.05 -2.89 -5.00
CA ALA A 126 5.54 -2.15 -6.16
C ALA A 126 4.66 -1.00 -5.73
N TRP A 127 4.75 0.08 -6.52
CA TRP A 127 3.94 1.26 -6.39
C TRP A 127 3.23 1.43 -7.74
N TRP A 128 1.92 1.30 -7.73
CA TRP A 128 1.16 1.22 -8.97
C TRP A 128 0.69 2.59 -9.43
N GLY A 129 0.76 2.79 -10.74
CA GLY A 129 0.13 3.98 -11.30
C GLY A 129 -1.30 3.69 -11.72
N ALA A 130 -2.06 4.76 -11.88
CA ALA A 130 -3.38 4.72 -12.55
C ALA A 130 -4.32 3.74 -11.93
N GLU A 131 -4.26 3.50 -10.62
CA GLU A 131 -5.29 2.68 -9.96
C GLU A 131 -6.63 3.35 -10.10
N GLU A 132 -6.66 4.69 -9.99
CA GLU A 132 -7.93 5.42 -9.97
C GLU A 132 -8.58 5.44 -11.34
N LEU A 133 -7.91 4.99 -12.39
CA LEU A 133 -8.51 4.88 -13.74
C LEU A 133 -9.15 3.52 -13.93
N GLY A 134 -9.00 2.61 -12.98
CA GLY A 134 -9.48 1.27 -13.10
C GLY A 134 -8.43 0.19 -12.97
N LEU A 135 -7.53 0.32 -12.00
CA LEU A 135 -6.48 -0.68 -11.74
C LEU A 135 -5.54 -0.80 -12.92
N ILE A 136 -5.31 0.29 -13.66
CA ILE A 136 -4.67 0.13 -14.94
C ILE A 136 -3.21 -0.28 -14.80
N GLY A 137 -2.51 0.27 -13.84
CA GLY A 137 -1.12 -0.07 -13.67
C GLY A 137 -0.89 -1.50 -13.17
N SER A 138 -1.68 -1.93 -12.16
CA SER A 138 -1.51 -3.31 -11.68
C SER A 138 -1.98 -4.29 -12.74
N LYS A 139 -3.05 -3.97 -13.48
CA LYS A 139 -3.42 -4.85 -14.61
C LYS A 139 -2.27 -4.91 -15.61
N PHE A 140 -1.64 -3.75 -15.90
CA PHE A 140 -0.56 -3.80 -16.87
C PHE A 140 0.55 -4.71 -16.38
N TYR A 141 0.89 -4.58 -15.11
CA TYR A 141 1.95 -5.44 -14.56
C TYR A 141 1.61 -6.91 -14.68
N VAL A 142 0.40 -7.28 -14.26
CA VAL A 142 0.06 -8.72 -14.32
C VAL A 142 -0.01 -9.16 -15.74
N ASN A 143 -0.60 -8.34 -16.63
CA ASN A 143 -0.75 -8.73 -18.00
C ASN A 143 0.60 -8.92 -18.70
N ASN A 144 1.65 -8.28 -18.23
CA ASN A 144 2.99 -8.28 -18.84
C ASN A 144 3.97 -9.13 -18.02
N LEU A 145 3.54 -9.81 -17.01
CA LEU A 145 4.38 -10.70 -16.23
C LEU A 145 4.25 -12.08 -16.84
N PRO A 146 5.31 -12.63 -17.41
CA PRO A 146 5.14 -13.94 -18.07
C PRO A 146 4.63 -15.00 -17.10
N SER A 147 3.96 -16.01 -17.65
CA SER A 147 3.36 -17.06 -16.81
C SER A 147 4.44 -17.74 -15.99
N ALA A 148 5.66 -17.90 -16.44
CA ALA A 148 6.71 -18.56 -15.64
C ALA A 148 7.01 -17.72 -14.42
N ASP A 149 6.94 -16.39 -14.53
CA ASP A 149 7.19 -15.51 -13.39
C ASP A 149 5.97 -15.41 -12.50
N ARG A 150 4.76 -15.42 -13.06
CA ARG A 150 3.57 -15.43 -12.21
C ARG A 150 3.58 -16.64 -11.29
N SER A 151 4.04 -17.79 -11.78
CA SER A 151 4.03 -19.01 -11.01
C SER A 151 5.03 -18.93 -9.86
N LYS A 152 6.00 -18.06 -9.92
CA LYS A 152 6.96 -17.89 -8.84
C LYS A 152 6.42 -17.02 -7.71
N LEU A 153 5.29 -16.37 -7.91
CA LEU A 153 4.74 -15.52 -6.84
C LEU A 153 4.10 -16.34 -5.74
N ALA A 154 4.66 -16.20 -4.54
CA ALA A 154 4.12 -16.81 -3.34
C ALA A 154 2.97 -16.03 -2.76
N GLY A 155 2.92 -14.72 -3.05
CA GLY A 155 1.83 -13.92 -2.52
C GLY A 155 1.98 -12.47 -3.00
N TYR A 156 0.84 -11.77 -2.95
CA TYR A 156 0.83 -10.32 -3.17
C TYR A 156 0.05 -9.68 -2.03
N LEU A 157 0.67 -8.78 -1.31
CA LEU A 157 0.06 -8.07 -0.15
C LEU A 157 -0.29 -6.67 -0.59
N ASN A 158 -1.49 -6.21 -0.39
CA ASN A 158 -1.93 -4.87 -0.84
C ASN A 158 -2.28 -3.98 0.32
N PHE A 159 -1.87 -2.72 0.17
CA PHE A 159 -2.13 -1.75 1.25
C PHE A 159 -2.71 -0.49 0.58
N ASP A 160 -4.01 -0.31 0.74
CA ASP A 160 -4.73 0.77 0.07
C ASP A 160 -5.73 1.35 1.09
N MET A 161 -5.42 2.56 1.58
CA MET A 161 -6.20 3.27 2.59
C MET A 161 -6.06 2.56 3.97
N ILE A 162 -4.98 2.97 4.67
CA ILE A 162 -4.68 2.32 5.96
C ILE A 162 -4.51 3.33 7.08
N GLY A 163 -4.87 4.60 6.84
CA GLY A 163 -4.82 5.64 7.85
C GLY A 163 -6.14 6.36 8.00
N SER A 164 -7.27 5.75 7.71
CA SER A 164 -8.53 6.49 7.71
C SER A 164 -8.82 7.17 9.02
N PRO A 165 -9.27 8.42 9.02
CA PRO A 165 -9.46 9.12 10.31
C PRO A 165 -10.50 8.58 11.25
N ASN A 166 -11.48 7.84 10.79
CA ASN A 166 -12.49 7.23 11.67
C ASN A 166 -12.41 5.74 11.41
N PRO A 167 -11.25 5.12 11.73
CA PRO A 167 -10.91 3.83 11.12
C PRO A 167 -11.69 2.65 11.65
N GLY A 168 -11.79 1.66 10.77
CA GLY A 168 -11.95 0.26 11.13
C GLY A 168 -10.64 -0.46 10.86
N TYR A 169 -10.55 -1.70 11.32
CA TYR A 169 -9.38 -2.51 11.04
C TYR A 169 -9.85 -3.74 10.27
N PHE A 170 -9.76 -3.63 8.93
CA PHE A 170 -10.26 -4.68 8.07
C PHE A 170 -9.06 -5.41 7.48
N VAL A 171 -9.20 -6.74 7.43
CA VAL A 171 -8.19 -7.62 6.88
C VAL A 171 -8.84 -8.37 5.72
N TYR A 172 -8.17 -8.42 4.56
CA TYR A 172 -8.78 -9.11 3.42
C TYR A 172 -9.04 -10.59 3.75
N ASP A 173 -10.16 -11.12 3.32
CA ASP A 173 -10.46 -12.55 3.56
C ASP A 173 -10.21 -13.36 2.30
N ASP A 174 -8.95 -13.39 1.89
CA ASP A 174 -8.51 -14.08 0.68
C ASP A 174 -7.62 -15.27 1.03
N ASP A 175 -6.36 -15.30 0.68
CA ASP A 175 -5.54 -16.47 1.04
C ASP A 175 -5.51 -16.69 2.53
N PRO A 176 -5.72 -17.91 3.01
CA PRO A 176 -5.87 -18.11 4.46
C PRO A 176 -4.57 -17.88 5.23
N VAL A 177 -3.41 -18.20 4.69
CA VAL A 177 -2.17 -18.00 5.43
C VAL A 177 -1.85 -16.52 5.57
N ILE A 178 -2.06 -15.76 4.49
CA ILE A 178 -1.76 -14.33 4.58
C ILE A 178 -2.76 -13.71 5.56
N GLU A 179 -4.03 -14.06 5.48
CA GLU A 179 -5.04 -13.49 6.39
C GLU A 179 -4.68 -13.80 7.85
N LYS A 180 -4.33 -15.05 8.13
CA LYS A 180 -3.97 -15.43 9.50
C LYS A 180 -2.77 -14.64 10.02
N THR A 181 -1.78 -14.39 9.18
CA THR A 181 -0.62 -13.63 9.61
C THR A 181 -0.98 -12.22 10.06
N PHE A 182 -1.84 -11.54 9.24
CA PHE A 182 -2.30 -10.19 9.67
C PHE A 182 -3.14 -10.27 10.92
N LYS A 183 -4.09 -11.22 10.96
CA LYS A 183 -5.00 -11.27 12.13
C LYS A 183 -4.25 -11.57 13.40
N ASN A 184 -3.24 -12.45 13.33
CA ASN A 184 -2.40 -12.73 14.49
C ASN A 184 -1.68 -11.49 14.99
N TYR A 185 -1.15 -10.61 14.11
CA TYR A 185 -0.49 -9.38 14.56
C TYR A 185 -1.46 -8.54 15.40
N PHE A 186 -2.68 -8.33 14.84
CA PHE A 186 -3.63 -7.50 15.58
C PHE A 186 -4.08 -8.16 16.88
N ALA A 187 -4.18 -9.47 16.94
CA ALA A 187 -4.53 -10.22 18.14
C ALA A 187 -3.50 -9.91 19.21
N GLY A 188 -2.22 -9.81 18.87
CA GLY A 188 -1.18 -9.54 19.87
C GLY A 188 -1.32 -8.11 20.38
N LEU A 189 -2.01 -7.24 19.64
CA LEU A 189 -2.23 -5.87 20.10
C LEU A 189 -3.52 -5.80 20.90
N ASN A 190 -4.30 -6.87 20.90
CA ASN A 190 -5.67 -6.84 21.43
C ASN A 190 -6.48 -5.76 20.72
N VAL A 191 -6.41 -5.71 19.41
CA VAL A 191 -7.24 -4.84 18.57
C VAL A 191 -8.07 -5.76 17.68
N PRO A 192 -9.40 -5.73 17.78
CA PRO A 192 -10.21 -6.61 16.94
C PRO A 192 -10.09 -6.22 15.45
N THR A 193 -10.26 -7.21 14.60
CA THR A 193 -10.33 -6.95 13.15
C THR A 193 -11.64 -7.53 12.62
N GLU A 194 -12.02 -7.06 11.44
CA GLU A 194 -13.17 -7.60 10.70
C GLU A 194 -12.72 -7.94 9.28
N ILE A 195 -13.39 -8.91 8.66
CA ILE A 195 -13.15 -9.28 7.28
C ILE A 195 -13.54 -8.15 6.35
N GLU A 196 -12.74 -7.98 5.31
CA GLU A 196 -13.13 -6.92 4.36
C GLU A 196 -14.26 -7.53 3.54
N GLY A 201 -12.40 -6.33 -6.98
CA GLY A 201 -12.15 -5.36 -8.06
C GLY A 201 -11.92 -3.96 -7.53
N ARG A 202 -11.78 -3.83 -6.20
CA ARG A 202 -11.72 -2.51 -5.59
C ARG A 202 -10.31 -1.98 -5.45
N SER A 203 -9.30 -2.83 -5.65
CA SER A 203 -7.92 -2.32 -5.52
C SER A 203 -6.98 -3.25 -6.26
N ASP A 204 -5.67 -2.97 -6.15
CA ASP A 204 -4.64 -3.59 -7.02
C ASP A 204 -4.38 -5.06 -6.71
N HIS A 205 -4.92 -5.61 -5.63
CA HIS A 205 -4.81 -7.07 -5.49
C HIS A 205 -5.68 -7.80 -6.49
N ALA A 206 -6.69 -7.12 -7.09
CA ALA A 206 -7.67 -7.90 -7.91
C ALA A 206 -6.96 -8.53 -9.11
N PRO A 207 -6.09 -7.86 -9.87
CA PRO A 207 -5.47 -8.55 -11.03
C PRO A 207 -4.63 -9.75 -10.65
N PHE A 208 -4.00 -9.72 -9.47
CA PHE A 208 -3.22 -10.86 -8.94
C PHE A 208 -4.15 -12.00 -8.55
N LYS A 209 -5.19 -11.66 -7.76
CA LYS A 209 -6.14 -12.65 -7.32
C LYS A 209 -6.75 -13.38 -8.49
N ASN A 210 -7.05 -12.60 -9.52
CA ASN A 210 -7.82 -13.18 -10.65
C ASN A 210 -6.98 -14.14 -11.44
N VAL A 211 -5.67 -14.13 -11.33
CA VAL A 211 -4.81 -15.13 -12.00
C VAL A 211 -4.25 -16.12 -11.00
N GLY A 212 -4.84 -16.24 -9.79
CA GLY A 212 -4.51 -17.33 -8.91
C GLY A 212 -3.31 -17.07 -8.03
N VAL A 213 -2.81 -15.84 -7.97
CA VAL A 213 -1.76 -15.54 -6.97
C VAL A 213 -2.39 -15.38 -5.59
N PRO A 214 -1.88 -15.96 -4.53
CA PRO A 214 -2.45 -15.71 -3.19
C PRO A 214 -2.36 -14.22 -2.86
N VAL A 215 -3.44 -13.68 -2.33
CA VAL A 215 -3.38 -12.24 -1.96
C VAL A 215 -3.93 -12.02 -0.56
N GLY A 216 -3.58 -10.84 -0.02
CA GLY A 216 -4.23 -10.36 1.18
C GLY A 216 -3.91 -8.88 1.35
N GLY A 217 -4.34 -8.31 2.46
CA GLY A 217 -4.15 -6.87 2.61
C GLY A 217 -4.88 -6.33 3.82
N LEU A 218 -4.69 -5.05 4.03
CA LEU A 218 -5.24 -4.26 5.12
C LEU A 218 -5.97 -3.06 4.60
N PHE A 219 -7.03 -2.65 5.30
CA PHE A 219 -7.89 -1.53 4.86
C PHE A 219 -8.54 -0.93 6.09
N THR A 220 -8.67 0.38 6.15
CA THR A 220 -9.29 1.00 7.31
C THR A 220 -10.63 1.67 7.00
N GLY A 221 -11.17 1.45 5.80
CA GLY A 221 -12.49 1.93 5.43
C GLY A 221 -12.42 3.20 4.60
N ALA A 222 -13.46 3.38 3.80
CA ALA A 222 -13.59 4.50 2.86
C ALA A 222 -14.92 5.18 3.07
N GLY A 223 -15.79 5.18 2.07
CA GLY A 223 -16.99 5.96 2.09
C GLY A 223 -18.15 5.42 2.87
N TYR A 224 -18.08 4.16 3.25
CA TYR A 224 -19.19 3.59 3.99
C TYR A 224 -19.19 4.13 5.42
N THR A 225 -20.34 4.09 6.06
CA THR A 225 -20.44 4.63 7.42
C THR A 225 -20.12 3.60 8.50
N LYS A 226 -19.35 4.06 9.49
CA LYS A 226 -19.06 3.20 10.66
C LYS A 226 -20.33 2.91 11.41
N SER A 227 -20.60 1.64 11.70
CA SER A 227 -21.77 1.28 12.50
C SER A 227 -21.59 1.52 14.00
N ALA A 228 -22.70 1.46 14.73
CA ALA A 228 -22.64 1.58 16.18
C ALA A 228 -21.71 0.50 16.76
N ALA A 229 -21.80 -0.74 16.24
CA ALA A 229 -21.01 -1.83 16.82
C ALA A 229 -19.54 -1.62 16.52
N GLN A 230 -19.23 -1.08 15.32
CA GLN A 230 -17.83 -0.82 14.96
C GLN A 230 -17.27 0.30 15.78
N ALA A 231 -18.06 1.34 16.15
CA ALA A 231 -17.53 2.39 17.04
C ALA A 231 -17.31 1.83 18.43
N GLN A 232 -18.14 0.88 18.87
CA GLN A 232 -17.88 0.23 20.16
C GLN A 232 -16.56 -0.50 20.15
N LYS A 233 -16.20 -1.12 19.03
CA LYS A 233 -15.00 -1.95 19.14
C LYS A 233 -13.76 -1.10 18.84
N TRP A 234 -13.86 -0.02 18.04
CA TRP A 234 -12.65 0.71 17.62
C TRP A 234 -12.65 2.19 17.98
N GLY A 235 -13.70 2.68 18.57
CA GLY A 235 -13.76 4.11 18.87
C GLY A 235 -14.20 4.87 17.61
N GLY A 236 -14.02 6.19 17.69
CA GLY A 236 -14.41 7.08 16.62
C GLY A 236 -15.85 7.50 16.65
N THR A 237 -16.52 7.55 15.49
CA THR A 237 -17.84 8.11 15.42
C THR A 237 -18.76 7.25 14.59
N ALA A 238 -19.76 6.66 15.25
CA ALA A 238 -20.79 5.92 14.53
C ALA A 238 -21.56 6.86 13.64
N GLY A 239 -21.97 6.43 12.46
CA GLY A 239 -22.80 7.23 11.58
C GLY A 239 -21.97 8.14 10.72
N GLN A 240 -20.66 8.16 10.86
CA GLN A 240 -19.79 8.95 9.96
C GLN A 240 -18.99 7.96 9.10
N ALA A 241 -18.66 8.36 7.89
CA ALA A 241 -17.79 7.59 7.02
C ALA A 241 -16.47 7.28 7.73
N PHE A 242 -15.90 6.12 7.38
CA PHE A 242 -14.54 5.81 7.84
C PHE A 242 -13.55 6.89 7.37
N ASP A 243 -13.76 7.34 6.12
CA ASP A 243 -12.97 8.43 5.57
C ASP A 243 -13.93 9.47 4.97
N ARG A 244 -14.18 10.53 5.71
CA ARG A 244 -15.05 11.61 5.31
C ARG A 244 -14.48 12.45 4.17
N CYS A 245 -13.22 12.21 3.82
CA CYS A 245 -12.58 12.98 2.78
C CYS A 245 -12.15 12.07 1.63
N TYR A 246 -12.78 10.93 1.47
CA TYR A 246 -12.47 9.98 0.39
C TYR A 246 -12.59 10.70 -0.94
N HIS A 247 -11.56 10.63 -1.76
CA HIS A 247 -11.54 11.20 -3.10
C HIS A 247 -11.81 12.68 -3.14
N SER A 248 -11.52 13.38 -2.03
CA SER A 248 -11.85 14.78 -1.86
C SER A 248 -10.59 15.66 -1.81
N SER A 249 -10.84 16.98 -1.99
CA SER A 249 -9.71 17.92 -1.85
C SER A 249 -9.16 17.92 -0.42
N CYS A 250 -9.98 17.51 0.56
CA CYS A 250 -9.55 17.44 1.97
C CYS A 250 -8.86 16.13 2.34
N ASP A 251 -8.48 15.29 1.40
CA ASP A 251 -7.67 14.09 1.68
C ASP A 251 -6.19 14.53 1.75
N SER A 252 -5.93 15.22 2.84
CA SER A 252 -4.75 15.98 3.14
C SER A 252 -4.01 15.37 4.32
N LEU A 253 -2.95 16.05 4.75
CA LEU A 253 -2.25 15.55 5.96
C LEU A 253 -3.17 15.52 7.18
N SER A 254 -4.23 16.29 7.18
CA SER A 254 -5.19 16.26 8.30
C SER A 254 -6.06 15.01 8.26
N ASN A 255 -6.02 14.25 7.19
CA ASN A 255 -6.96 13.13 6.98
C ASN A 255 -6.34 11.77 7.30
N ILE A 256 -5.63 11.74 8.42
CA ILE A 256 -4.93 10.53 8.86
C ILE A 256 -5.18 10.29 10.33
N ASN A 257 -5.47 9.07 10.72
CA ASN A 257 -5.47 8.61 12.09
C ASN A 257 -4.09 7.98 12.35
N ASP A 258 -3.30 8.60 13.21
CA ASP A 258 -1.95 8.13 13.46
C ASP A 258 -1.91 6.77 14.06
N THR A 259 -2.85 6.43 14.94
CA THR A 259 -2.82 5.07 15.52
C THR A 259 -3.03 4.00 14.46
N ALA A 260 -4.01 4.20 13.59
CA ALA A 260 -4.29 3.22 12.53
C ALA A 260 -3.10 3.14 11.61
N LEU A 261 -2.51 4.30 11.23
CA LEU A 261 -1.38 4.24 10.29
C LEU A 261 -0.20 3.48 10.95
N ASP A 262 -0.01 3.74 12.22
CA ASP A 262 1.10 3.06 12.94
C ASP A 262 0.88 1.58 12.98
N ARG A 263 -0.30 1.17 13.44
CA ARG A 263 -0.60 -0.28 13.58
C ARG A 263 -0.54 -1.00 12.25
N ASN A 264 -1.13 -0.39 11.19
CA ASN A 264 -1.11 -1.08 9.89
C ASN A 264 0.27 -1.09 9.28
N SER A 265 1.10 -0.05 9.51
CA SER A 265 2.46 -0.09 8.99
C SER A 265 3.25 -1.21 9.70
N ASP A 266 3.09 -1.30 11.02
CA ASP A 266 3.77 -2.37 11.78
C ASP A 266 3.26 -3.73 11.33
N ALA A 267 1.97 -3.87 11.07
CA ALA A 267 1.41 -5.14 10.62
C ALA A 267 1.96 -5.51 9.24
N ALA A 268 2.10 -4.50 8.35
CA ALA A 268 2.67 -4.74 7.02
C ALA A 268 4.03 -5.37 7.16
N ALA A 269 4.88 -4.78 8.03
CA ALA A 269 6.22 -5.32 8.20
C ALA A 269 6.18 -6.70 8.82
N HIS A 270 5.31 -6.89 9.81
CA HIS A 270 5.21 -8.20 10.41
C HIS A 270 4.88 -9.24 9.37
N ALA A 271 3.91 -8.97 8.52
CA ALA A 271 3.51 -9.94 7.52
C ALA A 271 4.62 -10.16 6.51
N ILE A 272 5.26 -9.08 6.07
CA ILE A 272 6.34 -9.24 5.04
C ILE A 272 7.45 -10.08 5.58
N TRP A 273 7.88 -9.88 6.84
CA TRP A 273 8.91 -10.73 7.47
C TRP A 273 8.41 -12.16 7.58
N THR A 274 7.23 -12.38 8.15
CA THR A 274 6.75 -13.73 8.43
C THR A 274 6.58 -14.54 7.16
N LEU A 275 6.02 -13.91 6.13
CA LEU A 275 5.70 -14.66 4.89
C LEU A 275 6.88 -14.79 3.95
N SER A 276 8.02 -14.16 4.31
CA SER A 276 9.20 -14.27 3.41
C SER A 276 10.23 -15.23 3.96
N SER A 277 9.99 -15.81 5.10
CA SER A 277 10.69 -17.00 5.62
C SER A 277 9.90 -18.27 5.25
ZN ZN B . -6.86 3.61 -3.08
ZN ZN C . -9.35 5.92 -4.56
CA CA D . 5.33 1.51 14.84
N DTR E . -11.87 2.17 -4.18
CA DTR E . -10.66 2.07 -3.38
CB DTR E . -10.98 2.13 -1.88
CG DTR E . -11.68 0.91 -1.36
CD1 DTR E . -13.00 0.78 -1.04
NE1 DTR E . -13.24 -0.51 -0.60
CE2 DTR E . -12.05 -1.21 -0.63
CZ2 DTR E . -11.81 -2.54 -0.26
CH2 DTR E . -10.51 -2.98 -0.40
CZ3 DTR E . -9.49 -2.14 -0.86
CE3 DTR E . -9.73 -0.83 -1.22
CD2 DTR E . -11.05 -0.34 -1.11
C DTR E . -9.75 3.24 -3.76
O DTR E . -8.60 3.26 -3.31
OXT DTR E . -10.23 4.17 -4.43
#